data_8SVO
#
_entry.id   8SVO
#
_cell.length_a   84.275
_cell.length_b   89.200
_cell.length_c   105.776
_cell.angle_alpha   90.00
_cell.angle_beta   90.00
_cell.angle_gamma   90.00
#
_symmetry.space_group_name_H-M   'P 21 21 21'
#
loop_
_entity.id
_entity.type
_entity.pdbx_description
1 polymer 'Pregnane X receptor ligand binding domain fused to SRC-1 coactivator peptide'
2 non-polymer (1P)-N-(5-tert-butyl-2-{[(2S)-pentan-2-yl]oxy}phenyl)-1-(2-methoxy-5-methylphenyl)-5-methyl-1H-1,2,3-triazole-4-carboxamide
3 non-polymer 'DIMETHYL SULFOXIDE'
4 water water
#
_entity_poly.entity_id   1
_entity_poly.type   'polypeptide(L)'
_entity_poly.pdbx_seq_one_letter_code
;HHHHHHGSERTGTQPLGVQGLTEEQRMMIRELMDAQMKTFDTTFSHFKNFRLPGVLSSGCELPESLQAPSREEAAKWSQV
RKDLCSLKVSLQLRGEDGSVWNYKPPADSGGKEIFSLLPHMADMSTYMFKGIISFAKVISYFRDLPIEDQISLLKGAAFE
LCQLRFNTVFNAETGTWECGRLSYCLEDTAGGFQQLLLEPMLKFHYMLKKLQLHEEEYVLMQAISLFSPDRPGVLQHRVV
DQLQEQFAITLKSYIECNRPQPAHRFLFLKIMAMLTELRSINAQHTQRLLRIQDIHPFATPLMQELFGITGSSGGSGGSS
HSSLTERHKILHRLLQEGSPSDITTLSVEPD
;
_entity_poly.pdbx_strand_id   A,B
#
# COMPACT_ATOMS: atom_id res chain seq x y z
N GLY A 20 -50.99 11.91 9.55
CA GLY A 20 -49.93 11.46 8.67
C GLY A 20 -49.51 12.51 7.66
N LEU A 21 -48.72 12.10 6.67
CA LEU A 21 -48.27 13.00 5.63
C LEU A 21 -49.28 13.08 4.49
N THR A 22 -49.38 14.24 3.87
CA THR A 22 -50.20 14.40 2.69
C THR A 22 -49.59 13.61 1.52
N GLU A 23 -50.38 13.43 0.47
CA GLU A 23 -49.90 12.68 -0.68
C GLU A 23 -48.85 13.45 -1.45
N GLU A 24 -48.96 14.78 -1.52
CA GLU A 24 -47.93 15.56 -2.18
C GLU A 24 -46.59 15.40 -1.47
N GLN A 25 -46.59 15.49 -0.15
CA GLN A 25 -45.38 15.22 0.62
C GLN A 25 -44.94 13.78 0.47
N ARG A 26 -45.88 12.84 0.33
CA ARG A 26 -45.54 11.44 0.15
C ARG A 26 -44.80 11.23 -1.18
N MET A 27 -45.36 11.74 -2.27
CA MET A 27 -44.71 11.57 -3.57
C MET A 27 -43.43 12.38 -3.66
N MET A 28 -43.36 13.52 -2.96
CA MET A 28 -42.13 14.30 -2.93
C MET A 28 -41.01 13.50 -2.25
N ILE A 29 -41.36 12.73 -1.21
CA ILE A 29 -40.37 11.85 -0.60
C ILE A 29 -40.07 10.67 -1.51
N ARG A 30 -41.09 10.11 -2.16
CA ARG A 30 -40.86 9.00 -3.08
C ARG A 30 -39.88 9.38 -4.18
N GLU A 31 -40.02 10.59 -4.73
CA GLU A 31 -39.12 11.04 -5.79
C GLU A 31 -37.69 11.19 -5.27
N LEU A 32 -37.54 11.71 -4.05
CA LEU A 32 -36.21 11.84 -3.46
C LEU A 32 -35.60 10.47 -3.18
N MET A 33 -36.38 9.56 -2.58
CA MET A 33 -35.88 8.22 -2.30
C MET A 33 -35.56 7.49 -3.60
N ASP A 34 -36.41 7.64 -4.61
CA ASP A 34 -36.11 7.09 -5.92
C ASP A 34 -34.83 7.68 -6.49
N ALA A 35 -34.65 9.00 -6.34
CA ALA A 35 -33.42 9.63 -6.80
C ALA A 35 -32.21 9.04 -6.11
N GLN A 36 -32.29 8.88 -4.78
CA GLN A 36 -31.17 8.36 -4.01
C GLN A 36 -30.84 6.92 -4.40
N MET A 37 -31.89 6.10 -4.61
CA MET A 37 -31.66 4.70 -4.94
C MET A 37 -30.92 4.54 -6.26
N LYS A 38 -31.20 5.40 -7.24
CA LYS A 38 -30.62 5.24 -8.56
C LYS A 38 -29.22 5.83 -8.69
N THR A 39 -28.83 6.77 -7.82
CA THR A 39 -27.60 7.52 -8.04
C THR A 39 -26.57 7.42 -6.93
N PHE A 40 -26.89 6.77 -5.81
CA PHE A 40 -25.95 6.64 -4.69
C PHE A 40 -25.43 5.20 -4.68
N ASP A 41 -24.23 5.01 -5.21
CA ASP A 41 -23.53 3.74 -5.15
C ASP A 41 -23.02 3.52 -3.72
N THR A 42 -23.87 2.95 -2.86
CA THR A 42 -23.53 2.84 -1.44
C THR A 42 -22.38 1.87 -1.19
N THR A 43 -22.16 0.91 -2.09
CA THR A 43 -21.05 -0.02 -1.96
C THR A 43 -19.78 0.47 -2.65
N PHE A 44 -19.84 1.60 -3.36
CA PHE A 44 -18.71 2.13 -4.11
C PHE A 44 -18.15 1.12 -5.10
N SER A 45 -19.03 0.27 -5.64
CA SER A 45 -18.59 -0.81 -6.53
C SER A 45 -18.07 -0.27 -7.86
N HIS A 46 -18.62 0.84 -8.34
CA HIS A 46 -18.23 1.40 -9.63
C HIS A 46 -17.20 2.52 -9.49
N PHE A 47 -16.63 2.70 -8.30
CA PHE A 47 -15.51 3.59 -8.10
C PHE A 47 -14.24 2.81 -8.42
N LYS A 48 -13.69 3.03 -9.60
CA LYS A 48 -12.55 2.26 -10.08
C LYS A 48 -11.56 3.21 -10.74
N ASN A 49 -10.35 2.70 -10.99
CA ASN A 49 -9.31 3.41 -11.72
C ASN A 49 -8.92 4.71 -11.03
N PHE A 50 -8.95 4.70 -9.70
CA PHE A 50 -8.53 5.86 -8.92
C PHE A 50 -7.03 5.84 -8.71
N ARG A 51 -6.47 7.03 -8.49
CA ARG A 51 -5.06 7.15 -8.14
C ARG A 51 -4.84 6.82 -6.67
N LEU A 52 -3.64 6.36 -6.37
CA LEU A 52 -3.22 6.00 -5.02
C LEU A 52 -1.84 6.57 -4.76
N PRO A 53 -1.48 6.79 -3.50
CA PRO A 53 -0.11 7.24 -3.20
C PRO A 53 0.91 6.25 -3.72
N GLY A 54 1.99 6.79 -4.29
CA GLY A 54 3.00 5.96 -4.91
C GLY A 54 3.72 5.08 -3.91
N VAL A 55 4.48 4.14 -4.46
CA VAL A 55 5.25 3.18 -3.67
C VAL A 55 6.68 3.66 -3.54
N LEU A 56 7.17 3.73 -2.30
CA LEU A 56 8.54 4.15 -2.01
C LEU A 56 8.87 5.52 -2.60
N SER A 70 9.83 32.14 -1.49
CA SER A 70 9.54 33.53 -1.81
C SER A 70 9.14 34.31 -0.56
N ARG A 71 8.36 35.38 -0.75
CA ARG A 71 7.95 36.24 0.36
C ARG A 71 6.54 36.01 0.90
N GLU A 72 5.53 36.31 0.07
CA GLU A 72 4.15 36.04 0.44
C GLU A 72 3.83 34.59 0.08
N GLU A 73 4.68 33.93 -0.71
CA GLU A 73 4.47 32.53 -1.03
C GLU A 73 4.76 31.65 0.18
N ALA A 74 5.71 32.04 1.02
CA ALA A 74 5.94 31.31 2.26
C ALA A 74 4.72 31.39 3.16
N ALA A 75 4.00 32.51 3.12
CA ALA A 75 2.75 32.62 3.87
C ALA A 75 1.67 31.74 3.27
N LYS A 76 1.61 31.65 1.94
CA LYS A 76 0.64 30.79 1.29
C LYS A 76 0.95 29.32 1.54
N TRP A 77 2.24 28.96 1.57
CA TRP A 77 2.62 27.58 1.86
C TRP A 77 2.41 27.25 3.33
N SER A 78 2.74 28.19 4.22
CA SER A 78 2.53 27.95 5.64
C SER A 78 1.06 27.75 5.96
N GLN A 79 0.18 28.50 5.28
CA GLN A 79 -1.26 28.39 5.54
C GLN A 79 -1.80 27.04 5.10
N VAL A 80 -1.26 26.47 4.03
CA VAL A 80 -1.78 25.21 3.51
C VAL A 80 -1.41 24.05 4.43
N ARG A 81 -0.24 24.09 5.06
CA ARG A 81 0.14 23.02 5.98
C ARG A 81 -0.80 22.95 7.17
N LYS A 82 -1.33 24.09 7.62
CA LYS A 82 -2.34 24.08 8.67
C LYS A 82 -3.67 23.53 8.16
N ASP A 83 -3.98 23.80 6.89
CA ASP A 83 -5.22 23.28 6.31
C ASP A 83 -5.19 21.77 6.21
N LEU A 84 -4.03 21.19 5.91
CA LEU A 84 -3.92 19.77 5.60
C LEU A 84 -3.67 18.90 6.83
N CYS A 85 -3.22 19.48 7.94
CA CYS A 85 -2.88 18.68 9.10
C CYS A 85 -4.07 18.42 10.02
N SER A 86 -5.13 19.23 9.93
CA SER A 86 -6.30 19.02 10.77
C SER A 86 -7.01 17.71 10.44
N LEU A 87 -6.96 17.31 9.18
CA LEU A 87 -7.72 16.16 8.68
C LEU A 87 -6.72 15.14 8.13
N LYS A 88 -6.50 14.07 8.88
CA LYS A 88 -5.55 13.03 8.49
C LYS A 88 -6.20 11.66 8.64
N VAL A 89 -6.10 10.84 7.60
CA VAL A 89 -6.69 9.51 7.59
C VAL A 89 -5.69 8.53 7.01
N SER A 90 -5.84 7.27 7.40
CA SER A 90 -5.14 6.16 6.76
C SER A 90 -6.10 5.52 5.76
N LEU A 91 -5.55 5.04 4.65
CA LEU A 91 -6.35 4.43 3.60
C LEU A 91 -6.19 2.93 3.65
N GLN A 92 -7.32 2.21 3.69
CA GLN A 92 -7.34 0.77 3.71
C GLN A 92 -8.07 0.27 2.47
N LEU A 93 -7.48 -0.70 1.78
CA LEU A 93 -8.02 -1.25 0.55
C LEU A 93 -8.07 -2.76 0.68
N ARG A 94 -9.28 -3.31 0.70
CA ARG A 94 -9.50 -4.75 0.87
C ARG A 94 -9.67 -5.41 -0.49
N GLY A 95 -8.87 -6.45 -0.75
CA GLY A 95 -8.96 -7.17 -1.99
C GLY A 95 -9.98 -8.29 -1.95
N GLU A 96 -10.33 -8.79 -3.14
CA GLU A 96 -11.30 -9.88 -3.23
C GLU A 96 -10.78 -11.15 -2.60
N ASP A 97 -9.47 -11.39 -2.68
CA ASP A 97 -8.87 -12.58 -2.10
C ASP A 97 -8.90 -12.59 -0.58
N GLY A 98 -9.19 -11.45 0.05
CA GLY A 98 -9.13 -11.32 1.49
C GLY A 98 -7.92 -10.57 2.00
N SER A 99 -7.03 -10.13 1.12
CA SER A 99 -5.86 -9.37 1.54
C SER A 99 -6.25 -7.93 1.88
N VAL A 100 -5.36 -7.26 2.59
CA VAL A 100 -5.59 -5.88 3.03
C VAL A 100 -4.34 -5.06 2.74
N TRP A 101 -4.44 -4.13 1.80
CA TRP A 101 -3.44 -3.08 1.64
C TRP A 101 -3.84 -1.90 2.50
N ASN A 102 -2.88 -1.36 3.25
CA ASN A 102 -3.13 -0.24 4.16
C ASN A 102 -2.08 0.84 3.94
N TYR A 103 -2.54 2.07 3.77
CA TYR A 103 -1.64 3.21 3.59
C TYR A 103 -1.69 4.09 4.83
N LYS A 104 -0.54 4.31 5.45
CA LYS A 104 -0.39 5.20 6.57
C LYS A 104 0.30 6.48 6.11
N PRO A 105 -0.25 7.65 6.40
CA PRO A 105 0.26 8.89 5.80
C PRO A 105 1.56 9.33 6.45
N PRO A 106 2.41 10.05 5.73
CA PRO A 106 3.63 10.59 6.34
C PRO A 106 3.31 11.73 7.30
N ALA A 107 4.34 12.12 8.05
CA ALA A 107 4.24 13.31 8.89
C ALA A 107 4.75 14.52 8.12
N ASP A 108 4.24 15.70 8.51
CA ASP A 108 4.62 16.94 7.86
C ASP A 108 6.12 17.18 8.03
N SER A 109 6.90 16.95 6.97
CA SER A 109 8.34 17.16 7.00
C SER A 109 8.77 18.40 6.23
N GLY A 110 7.82 19.19 5.69
CA GLY A 110 8.13 20.42 5.01
C GLY A 110 8.07 20.36 3.50
N GLY A 111 7.89 19.16 2.93
CA GLY A 111 7.84 18.99 1.50
C GLY A 111 6.46 18.66 0.99
N LYS A 112 6.42 18.04 -0.19
CA LYS A 112 5.16 17.72 -0.86
C LYS A 112 4.49 16.46 -0.29
N GLU A 113 5.05 15.87 0.76
CA GLU A 113 4.45 14.67 1.35
C GLU A 113 3.08 14.95 1.94
N ILE A 114 2.74 16.22 2.20
CA ILE A 114 1.43 16.56 2.73
C ILE A 114 0.33 16.46 1.70
N PHE A 115 0.67 16.27 0.42
CA PHE A 115 -0.33 16.13 -0.64
C PHE A 115 -0.44 14.71 -1.15
N SER A 116 0.03 13.72 -0.38
CA SER A 116 0.13 12.36 -0.89
C SER A 116 -1.22 11.74 -1.21
N LEU A 117 -2.30 12.21 -0.59
CA LEU A 117 -3.62 11.63 -0.80
C LEU A 117 -4.54 12.49 -1.64
N LEU A 118 -4.15 13.73 -1.97
CA LEU A 118 -5.02 14.59 -2.76
C LEU A 118 -5.36 14.03 -4.14
N PRO A 119 -4.46 13.38 -4.87
CA PRO A 119 -4.90 12.72 -6.13
C PRO A 119 -6.02 11.71 -5.92
N HIS A 120 -5.92 10.89 -4.87
CA HIS A 120 -6.99 9.92 -4.61
C HIS A 120 -8.29 10.63 -4.25
N MET A 121 -8.22 11.62 -3.36
CA MET A 121 -9.43 12.32 -2.95
C MET A 121 -10.00 13.16 -4.09
N ALA A 122 -9.17 13.61 -5.02
CA ALA A 122 -9.69 14.25 -6.22
C ALA A 122 -10.52 13.28 -7.03
N ASP A 123 -10.06 12.03 -7.17
CA ASP A 123 -10.84 11.05 -7.90
C ASP A 123 -12.09 10.64 -7.13
N MET A 124 -11.99 10.53 -5.80
CA MET A 124 -13.17 10.19 -5.02
C MET A 124 -14.20 11.31 -5.05
N SER A 125 -13.76 12.56 -4.91
CA SER A 125 -14.69 13.69 -4.94
C SER A 125 -15.37 13.79 -6.31
N THR A 126 -14.60 13.64 -7.38
CA THR A 126 -15.16 13.68 -8.72
C THR A 126 -16.20 12.57 -8.90
N TYR A 127 -15.87 11.35 -8.48
CA TYR A 127 -16.83 10.25 -8.58
C TYR A 127 -18.10 10.55 -7.80
N MET A 128 -17.97 11.11 -6.60
CA MET A 128 -19.15 11.41 -5.79
C MET A 128 -19.97 12.52 -6.43
N PHE A 129 -19.32 13.58 -6.91
CA PHE A 129 -20.04 14.69 -7.51
C PHE A 129 -20.88 14.24 -8.70
N LYS A 130 -20.36 13.34 -9.52
CA LYS A 130 -21.12 12.88 -10.68
C LYS A 130 -22.37 12.13 -10.24
N GLY A 131 -22.29 11.39 -9.11
CA GLY A 131 -23.49 10.83 -8.52
C GLY A 131 -24.42 11.91 -7.99
N ILE A 132 -23.87 12.99 -7.44
CA ILE A 132 -24.70 14.09 -6.96
C ILE A 132 -25.39 14.77 -8.14
N ILE A 133 -24.68 14.94 -9.25
CA ILE A 133 -25.27 15.53 -10.45
C ILE A 133 -26.45 14.68 -10.93
N SER A 134 -26.24 13.37 -11.01
CA SER A 134 -27.31 12.46 -11.43
C SER A 134 -28.47 12.50 -10.44
N PHE A 135 -28.18 12.65 -9.15
CA PHE A 135 -29.23 12.74 -8.14
C PHE A 135 -30.16 13.90 -8.44
N ALA A 136 -29.59 15.09 -8.65
CA ALA A 136 -30.42 16.27 -8.92
C ALA A 136 -31.16 16.15 -10.25
N LYS A 137 -30.56 15.48 -11.24
CA LYS A 137 -31.16 15.44 -12.57
C LYS A 137 -32.50 14.71 -12.56
N VAL A 138 -32.66 13.68 -11.73
CA VAL A 138 -33.90 12.91 -11.78
C VAL A 138 -35.00 13.49 -10.90
N ILE A 139 -34.72 14.53 -10.13
CA ILE A 139 -35.74 15.25 -9.38
C ILE A 139 -36.43 16.21 -10.33
N SER A 140 -37.74 16.08 -10.48
CA SER A 140 -38.48 16.93 -11.42
C SER A 140 -38.39 18.39 -11.04
N TYR A 141 -38.44 18.70 -9.74
CA TYR A 141 -38.34 20.09 -9.29
C TYR A 141 -37.03 20.73 -9.75
N PHE A 142 -35.94 19.96 -9.74
CA PHE A 142 -34.66 20.48 -10.18
C PHE A 142 -34.56 20.54 -11.70
N ARG A 143 -35.23 19.62 -12.40
CA ARG A 143 -35.16 19.58 -13.85
C ARG A 143 -35.82 20.80 -14.49
N ASP A 144 -36.84 21.37 -13.84
CA ASP A 144 -37.61 22.45 -14.43
C ASP A 144 -36.98 23.82 -14.25
N LEU A 145 -35.95 23.94 -13.43
CA LEU A 145 -35.25 25.21 -13.27
C LEU A 145 -34.39 25.49 -14.50
N PRO A 146 -34.12 26.76 -14.79
CA PRO A 146 -33.18 27.08 -15.88
C PRO A 146 -31.82 26.43 -15.64
N ILE A 147 -31.13 26.14 -16.75
CA ILE A 147 -29.89 25.38 -16.67
C ILE A 147 -28.84 26.11 -15.86
N GLU A 148 -28.86 27.46 -15.89
CA GLU A 148 -27.86 28.22 -15.15
C GLU A 148 -28.12 28.19 -13.65
N ASP A 149 -29.39 28.13 -13.24
CA ASP A 149 -29.69 27.93 -11.82
C ASP A 149 -29.34 26.52 -11.38
N GLN A 150 -29.52 25.54 -12.27
CA GLN A 150 -29.10 24.17 -11.96
C GLN A 150 -27.59 24.11 -11.75
N ILE A 151 -26.83 24.80 -12.61
CA ILE A 151 -25.39 24.88 -12.41
C ILE A 151 -25.07 25.56 -11.09
N SER A 152 -25.75 26.66 -10.80
CA SER A 152 -25.45 27.42 -9.59
C SER A 152 -25.79 26.63 -8.33
N LEU A 153 -26.89 25.88 -8.35
CA LEU A 153 -27.27 25.10 -7.17
C LEU A 153 -26.29 23.95 -6.95
N LEU A 154 -25.98 23.18 -8.00
CA LEU A 154 -25.03 22.09 -7.85
C LEU A 154 -23.64 22.62 -7.49
N LYS A 155 -23.29 23.81 -7.96
CA LYS A 155 -22.00 24.39 -7.60
C LYS A 155 -21.95 24.70 -6.11
N GLY A 156 -23.02 25.28 -5.56
CA GLY A 156 -23.03 25.67 -4.16
C GLY A 156 -23.27 24.53 -3.20
N ALA A 157 -23.84 23.41 -3.66
CA ALA A 157 -24.23 22.33 -2.77
C ALA A 157 -23.41 21.06 -2.91
N ALA A 158 -22.51 20.99 -3.90
CA ALA A 158 -21.80 19.74 -4.20
C ALA A 158 -21.06 19.21 -2.99
N PHE A 159 -20.31 20.07 -2.30
CA PHE A 159 -19.58 19.62 -1.11
C PHE A 159 -20.53 19.13 -0.04
N GLU A 160 -21.62 19.88 0.20
CA GLU A 160 -22.56 19.55 1.26
C GLU A 160 -23.24 18.21 1.00
N LEU A 161 -23.76 18.00 -0.21
CA LEU A 161 -24.40 16.74 -0.52
C LEU A 161 -23.41 15.59 -0.47
N CYS A 162 -22.14 15.86 -0.78
CA CYS A 162 -21.12 14.82 -0.69
CA CYS A 162 -21.11 14.83 -0.69
C CYS A 162 -20.88 14.41 0.76
N GLN A 163 -20.73 15.39 1.66
CA GLN A 163 -20.55 15.07 3.07
C GLN A 163 -21.77 14.38 3.64
N LEU A 164 -22.97 14.77 3.19
CA LEU A 164 -24.19 14.12 3.67
C LEU A 164 -24.23 12.65 3.29
N ARG A 165 -23.81 12.32 2.07
CA ARG A 165 -23.73 10.91 1.67
C ARG A 165 -22.60 10.19 2.40
N PHE A 166 -21.47 10.87 2.59
CA PHE A 166 -20.37 10.28 3.34
C PHE A 166 -20.79 9.92 4.77
N ASN A 167 -21.66 10.72 5.39
CA ASN A 167 -22.04 10.44 6.77
C ASN A 167 -22.77 9.11 6.90
N THR A 168 -23.52 8.72 5.86
CA THR A 168 -24.28 7.47 5.93
C THR A 168 -23.37 6.24 5.95
N VAL A 169 -22.13 6.36 5.51
CA VAL A 169 -21.15 5.27 5.61
C VAL A 169 -20.12 5.55 6.69
N PHE A 170 -20.35 6.54 7.55
CA PHE A 170 -19.41 6.90 8.59
C PHE A 170 -19.64 6.07 9.85
N ASN A 171 -18.59 5.45 10.35
CA ASN A 171 -18.64 4.66 11.58
C ASN A 171 -18.04 5.51 12.69
N ALA A 172 -18.91 6.05 13.56
CA ALA A 172 -18.45 6.92 14.63
C ALA A 172 -17.64 6.17 15.70
N GLU A 173 -17.86 4.86 15.84
CA GLU A 173 -17.11 4.10 16.84
C GLU A 173 -15.64 3.99 16.46
N THR A 174 -15.37 3.62 15.21
CA THR A 174 -14.01 3.44 14.70
C THR A 174 -13.48 4.68 13.99
N GLY A 175 -14.26 5.75 13.92
CA GLY A 175 -13.82 6.95 13.21
C GLY A 175 -13.44 6.69 11.77
N THR A 176 -14.24 5.87 11.07
CA THR A 176 -13.90 5.37 9.76
C THR A 176 -15.07 5.57 8.81
N TRP A 177 -14.78 6.13 7.63
CA TRP A 177 -15.72 6.12 6.52
C TRP A 177 -15.52 4.83 5.75
N GLU A 178 -16.55 3.99 5.72
CA GLU A 178 -16.48 2.67 5.12
C GLU A 178 -17.08 2.75 3.72
N CYS A 179 -16.21 2.87 2.72
CA CYS A 179 -16.65 3.02 1.34
C CYS A 179 -16.42 1.71 0.58
N GLY A 180 -17.24 0.73 0.90
CA GLY A 180 -17.12 -0.57 0.27
C GLY A 180 -15.79 -1.22 0.61
N ARG A 181 -14.99 -1.46 -0.42
CA ARG A 181 -13.66 -2.04 -0.22
C ARG A 181 -12.63 -1.01 0.23
N LEU A 182 -12.95 0.28 0.18
CA LEU A 182 -12.07 1.34 0.63
C LEU A 182 -12.50 1.82 2.01
N SER A 183 -11.52 2.09 2.88
CA SER A 183 -11.77 2.59 4.22
C SER A 183 -10.80 3.72 4.53
N TYR A 184 -11.32 4.77 5.16
CA TYR A 184 -10.54 5.95 5.52
C TYR A 184 -10.71 6.15 7.03
N CYS A 185 -9.66 5.87 7.79
CA CYS A 185 -9.71 5.85 9.25
C CYS A 185 -8.99 7.08 9.80
N LEU A 186 -9.67 7.85 10.63
CA LEU A 186 -9.06 9.03 11.25
C LEU A 186 -7.89 8.62 12.13
N GLU A 187 -6.85 9.45 12.13
CA GLU A 187 -5.68 9.25 12.97
C GLU A 187 -5.75 10.17 14.17
N ASP A 188 -5.21 9.72 15.31
CA ASP A 188 -5.25 10.49 16.55
C ASP A 188 -4.19 11.58 16.56
N THR A 189 -4.29 12.48 15.59
CA THR A 189 -3.36 13.61 15.49
C THR A 189 -3.67 14.66 16.53
N GLY A 192 -5.92 14.61 20.88
CA GLY A 192 -6.97 13.76 21.43
C GLY A 192 -8.25 13.82 20.64
N PHE A 193 -9.33 13.27 21.20
CA PHE A 193 -10.63 13.33 20.55
C PHE A 193 -11.24 14.72 20.66
N GLN A 194 -11.21 15.29 21.87
CA GLN A 194 -11.67 16.67 22.03
C GLN A 194 -10.87 17.60 21.13
N GLN A 195 -9.63 17.22 20.80
CA GLN A 195 -8.87 17.95 19.80
C GLN A 195 -9.46 17.77 18.40
N LEU A 196 -9.84 16.53 18.06
CA LEU A 196 -10.45 16.29 16.76
C LEU A 196 -11.82 16.95 16.66
N LEU A 197 -12.61 16.91 17.74
CA LEU A 197 -13.91 17.55 17.74
C LEU A 197 -13.81 19.05 17.46
N LEU A 198 -12.64 19.65 17.69
CA LEU A 198 -12.47 21.07 17.36
C LEU A 198 -12.63 21.30 15.86
N GLU A 199 -12.15 20.38 15.03
CA GLU A 199 -12.29 20.50 13.59
C GLU A 199 -13.77 20.44 13.21
N PRO A 200 -14.34 21.50 12.65
CA PRO A 200 -15.80 21.52 12.42
C PRO A 200 -16.28 20.41 11.51
N MET A 201 -15.51 20.02 10.50
CA MET A 201 -15.96 18.96 9.60
C MET A 201 -16.09 17.63 10.31
N LEU A 202 -15.22 17.36 11.30
CA LEU A 202 -15.33 16.13 12.07
C LEU A 202 -16.43 16.21 13.12
N LYS A 203 -16.56 17.37 13.77
CA LYS A 203 -17.68 17.57 14.68
C LYS A 203 -19.01 17.41 13.96
N PHE A 204 -19.06 17.78 12.68
CA PHE A 204 -20.28 17.60 11.91
C PHE A 204 -20.63 16.13 11.76
N HIS A 205 -19.65 15.30 11.40
CA HIS A 205 -19.94 13.89 11.13
C HIS A 205 -20.32 13.14 12.40
N TYR A 206 -19.70 13.47 13.53
CA TYR A 206 -20.06 12.78 14.77
C TYR A 206 -21.44 13.19 15.25
N MET A 207 -21.75 14.50 15.20
CA MET A 207 -23.06 14.96 15.67
C MET A 207 -24.18 14.46 14.77
N LEU A 208 -24.00 14.54 13.45
CA LEU A 208 -25.05 14.09 12.55
C LEU A 208 -25.29 12.59 12.71
N LYS A 209 -24.21 11.80 12.84
CA LYS A 209 -24.38 10.37 13.02
C LYS A 209 -25.15 10.06 14.31
N LYS A 210 -24.90 10.83 15.38
CA LYS A 210 -25.55 10.56 16.65
C LYS A 210 -27.05 10.73 16.56
N LEU A 211 -27.54 11.54 15.61
CA LEU A 211 -28.98 11.72 15.46
C LEU A 211 -29.67 10.45 14.98
N GLN A 212 -28.94 9.52 14.37
CA GLN A 212 -29.47 8.25 13.88
C GLN A 212 -30.65 8.48 12.94
N LEU A 213 -30.39 9.23 11.88
CA LEU A 213 -31.44 9.60 10.95
C LEU A 213 -31.83 8.43 10.06
N HIS A 214 -33.04 8.48 9.53
CA HIS A 214 -33.52 7.54 8.54
C HIS A 214 -32.99 7.91 7.16
N GLU A 215 -33.17 6.98 6.22
CA GLU A 215 -32.84 7.27 4.83
C GLU A 215 -33.63 8.47 4.32
N GLU A 216 -34.92 8.52 4.65
CA GLU A 216 -35.78 9.60 4.18
C GLU A 216 -35.32 10.95 4.71
N GLU A 217 -34.80 10.97 5.94
CA GLU A 217 -34.36 12.23 6.53
C GLU A 217 -33.05 12.71 5.89
N TYR A 218 -32.13 11.79 5.63
CA TYR A 218 -30.94 12.15 4.88
C TYR A 218 -31.29 12.73 3.51
N VAL A 219 -32.16 12.03 2.76
CA VAL A 219 -32.47 12.48 1.40
C VAL A 219 -33.22 13.81 1.44
N LEU A 220 -33.98 14.08 2.51
CA LEU A 220 -34.60 15.39 2.65
C LEU A 220 -33.59 16.46 3.06
N MET A 221 -32.57 16.10 3.84
CA MET A 221 -31.46 17.03 4.07
C MET A 221 -30.79 17.38 2.76
N GLN A 222 -30.65 16.40 1.86
CA GLN A 222 -30.01 16.64 0.57
C GLN A 222 -30.82 17.61 -0.28
N ALA A 223 -32.15 17.49 -0.27
CA ALA A 223 -32.99 18.38 -1.05
C ALA A 223 -32.98 19.79 -0.47
N ILE A 224 -33.06 19.92 0.86
CA ILE A 224 -32.99 21.24 1.49
C ILE A 224 -31.67 21.91 1.15
N SER A 225 -30.57 21.16 1.20
CA SER A 225 -29.27 21.73 0.86
C SER A 225 -29.18 22.07 -0.62
N LEU A 226 -29.66 21.17 -1.49
CA LEU A 226 -29.60 21.41 -2.93
C LEU A 226 -30.37 22.66 -3.32
N PHE A 227 -31.57 22.84 -2.76
CA PHE A 227 -32.43 23.95 -3.16
C PHE A 227 -32.24 25.16 -2.25
N SER A 228 -30.99 25.62 -2.09
CA SER A 228 -30.71 26.79 -1.27
C SER A 228 -30.82 28.03 -2.13
N PRO A 229 -31.78 28.94 -1.86
CA PRO A 229 -31.96 30.10 -2.73
C PRO A 229 -30.87 31.15 -2.61
N ASP A 230 -29.96 31.03 -1.65
CA ASP A 230 -28.95 32.05 -1.40
C ASP A 230 -27.60 31.69 -1.99
N ARG A 231 -27.55 30.75 -2.95
CA ARG A 231 -26.29 30.45 -3.61
C ARG A 231 -25.94 31.57 -4.59
N PRO A 232 -24.65 31.78 -4.86
CA PRO A 232 -24.26 32.73 -5.90
C PRO A 232 -24.73 32.26 -7.28
N GLY A 233 -25.25 33.21 -8.06
CA GLY A 233 -25.60 32.95 -9.43
C GLY A 233 -27.01 32.45 -9.68
N VAL A 234 -27.80 32.21 -8.63
CA VAL A 234 -29.18 31.77 -8.83
C VAL A 234 -30.05 32.99 -9.09
N LEU A 235 -30.98 32.84 -10.03
CA LEU A 235 -31.88 33.92 -10.41
C LEU A 235 -33.29 33.74 -9.86
N GLN A 236 -33.84 32.53 -9.94
CA GLN A 236 -35.19 32.26 -9.45
C GLN A 236 -35.15 31.95 -7.95
N HIS A 237 -34.71 32.93 -7.18
CA HIS A 237 -34.54 32.73 -5.75
C HIS A 237 -35.88 32.48 -5.05
N ARG A 238 -36.91 33.24 -5.43
CA ARG A 238 -38.21 33.06 -4.79
C ARG A 238 -38.79 31.69 -5.09
N VAL A 239 -38.53 31.17 -6.29
CA VAL A 239 -38.98 29.82 -6.63
C VAL A 239 -38.22 28.79 -5.82
N VAL A 240 -36.88 28.92 -5.78
CA VAL A 240 -36.05 27.95 -5.06
C VAL A 240 -36.35 28.03 -3.56
N ASP A 241 -36.59 29.23 -3.04
CA ASP A 241 -36.92 29.37 -1.63
C ASP A 241 -38.25 28.69 -1.31
N GLN A 242 -39.26 28.88 -2.16
CA GLN A 242 -40.53 28.19 -1.97
C GLN A 242 -40.33 26.68 -2.03
N LEU A 243 -39.51 26.21 -2.98
CA LEU A 243 -39.22 24.78 -3.08
C LEU A 243 -38.50 24.27 -1.84
N GLN A 244 -37.49 25.02 -1.36
CA GLN A 244 -36.78 24.59 -0.17
C GLN A 244 -37.71 24.53 1.03
N GLU A 245 -38.61 25.51 1.16
CA GLU A 245 -39.52 25.54 2.29
C GLU A 245 -40.45 24.32 2.28
N GLN A 246 -40.87 23.89 1.08
CA GLN A 246 -41.76 22.72 1.02
C GLN A 246 -41.01 21.46 1.41
N PHE A 247 -39.74 21.34 1.02
CA PHE A 247 -38.93 20.20 1.47
C PHE A 247 -38.73 20.23 2.99
N ALA A 248 -38.49 21.43 3.54
CA ALA A 248 -38.30 21.54 4.98
C ALA A 248 -39.58 21.24 5.74
N ILE A 249 -40.72 21.75 5.25
CA ILE A 249 -42.00 21.43 5.86
C ILE A 249 -42.28 19.93 5.75
N THR A 250 -41.94 19.33 4.61
CA THR A 250 -42.13 17.89 4.45
C THR A 250 -41.29 17.12 5.48
N LEU A 251 -40.05 17.54 5.70
CA LEU A 251 -39.21 16.88 6.69
C LEU A 251 -39.76 17.06 8.09
N LYS A 252 -40.17 18.28 8.44
CA LYS A 252 -40.77 18.53 9.75
C LYS A 252 -42.03 17.68 9.94
N SER A 253 -42.86 17.58 8.91
CA SER A 253 -44.04 16.74 9.01
C SER A 253 -43.68 15.26 9.13
N TYR A 254 -42.67 14.82 8.38
CA TYR A 254 -42.23 13.44 8.46
C TYR A 254 -41.82 13.07 9.88
N ILE A 255 -41.10 13.96 10.55
CA ILE A 255 -40.63 13.67 11.90
C ILE A 255 -41.80 13.61 12.88
N GLU A 256 -42.78 14.49 12.71
CA GLU A 256 -43.94 14.49 13.60
C GLU A 256 -44.78 13.23 13.47
N CYS A 257 -44.80 12.62 12.29
CA CYS A 257 -45.70 11.50 12.03
C CYS A 257 -45.03 10.13 12.13
N ASN A 258 -43.70 10.07 12.21
CA ASN A 258 -42.99 8.79 12.15
C ASN A 258 -42.11 8.52 13.36
N ARG A 259 -41.99 9.44 14.29
CA ARG A 259 -41.18 9.24 15.48
C ARG A 259 -42.00 9.50 16.73
N PRO A 260 -41.65 8.86 17.85
CA PRO A 260 -42.34 9.16 19.11
C PRO A 260 -42.31 10.65 19.41
N GLN A 261 -43.45 11.18 19.86
CA GLN A 261 -43.63 12.63 19.92
C GLN A 261 -42.63 13.32 20.84
N PRO A 262 -42.58 13.02 22.15
CA PRO A 262 -41.78 13.89 23.03
C PRO A 262 -40.27 13.77 22.80
N ALA A 263 -39.75 12.57 22.58
CA ALA A 263 -38.30 12.38 22.52
C ALA A 263 -37.67 13.11 21.35
N HIS A 264 -38.35 13.20 20.22
CA HIS A 264 -37.83 13.83 19.02
C HIS A 264 -38.46 15.20 18.77
N ARG A 265 -38.83 15.88 19.86
CA ARG A 265 -39.52 17.16 19.79
C ARG A 265 -38.69 18.24 19.09
N PHE A 266 -37.37 18.13 19.11
CA PHE A 266 -36.51 19.13 18.51
C PHE A 266 -35.59 18.57 17.44
N LEU A 267 -35.88 17.37 16.93
CA LEU A 267 -35.00 16.76 15.93
C LEU A 267 -34.94 17.58 14.66
N PHE A 268 -36.09 18.10 14.20
CA PHE A 268 -36.11 18.91 12.99
C PHE A 268 -35.25 20.16 13.13
N LEU A 269 -35.32 20.83 14.28
CA LEU A 269 -34.50 22.01 14.50
C LEU A 269 -33.02 21.65 14.58
N LYS A 270 -32.70 20.49 15.15
CA LYS A 270 -31.32 20.02 15.15
C LYS A 270 -30.82 19.79 13.73
N ILE A 271 -31.64 19.15 12.90
CA ILE A 271 -31.26 18.90 11.51
C ILE A 271 -30.97 20.22 10.80
N MET A 272 -31.87 21.19 10.93
CA MET A 272 -31.67 22.48 10.27
C MET A 272 -30.43 23.18 10.79
N ALA A 273 -30.16 23.07 12.11
CA ALA A 273 -28.93 23.63 12.64
C ALA A 273 -27.71 22.94 12.05
N MET A 274 -27.77 21.61 11.87
CA MET A 274 -26.68 20.90 11.20
C MET A 274 -26.49 21.41 9.78
N LEU A 275 -27.59 21.62 9.06
CA LEU A 275 -27.49 22.10 7.68
C LEU A 275 -26.89 23.50 7.63
N THR A 276 -27.19 24.33 8.63
CA THR A 276 -26.64 25.68 8.66
C THR A 276 -25.12 25.63 8.87
N GLU A 277 -24.65 24.80 9.80
CA GLU A 277 -23.22 24.64 10.02
C GLU A 277 -22.54 24.06 8.80
N LEU A 278 -23.21 23.13 8.09
CA LEU A 278 -22.61 22.52 6.91
C LEU A 278 -22.30 23.55 5.83
N ARG A 279 -23.12 24.61 5.72
CA ARG A 279 -22.84 25.65 4.75
C ARG A 279 -21.58 26.44 5.12
N SER A 280 -21.33 26.62 6.41
CA SER A 280 -20.08 27.28 6.82
C SER A 280 -18.89 26.37 6.60
N ILE A 281 -19.05 25.08 6.90
CA ILE A 281 -17.98 24.12 6.61
C ILE A 281 -17.71 24.07 5.11
N ASN A 282 -18.76 24.25 4.30
CA ASN A 282 -18.60 24.30 2.85
C ASN A 282 -17.68 25.44 2.45
N ALA A 283 -17.99 26.66 2.89
CA ALA A 283 -17.16 27.82 2.55
C ALA A 283 -15.75 27.67 3.11
N GLN A 284 -15.62 27.12 4.32
CA GLN A 284 -14.30 26.97 4.92
C GLN A 284 -13.42 26.02 4.11
N HIS A 285 -13.95 24.85 3.76
CA HIS A 285 -13.15 23.86 3.05
C HIS A 285 -13.01 24.15 1.57
N THR A 286 -13.96 24.87 0.98
CA THR A 286 -13.79 25.32 -0.40
C THR A 286 -12.63 26.30 -0.52
N GLN A 287 -12.44 27.15 0.51
CA GLN A 287 -11.31 28.07 0.50
C GLN A 287 -9.99 27.32 0.68
N ARG A 288 -10.00 26.27 1.51
CA ARG A 288 -8.79 25.46 1.66
C ARG A 288 -8.38 24.83 0.34
N LEU A 289 -9.34 24.29 -0.42
CA LEU A 289 -9.03 23.66 -1.69
C LEU A 289 -8.39 24.65 -2.66
N LEU A 290 -8.95 25.86 -2.73
CA LEU A 290 -8.40 26.87 -3.62
C LEU A 290 -6.99 27.26 -3.21
N ARG A 291 -6.72 27.31 -1.90
CA ARG A 291 -5.37 27.62 -1.44
C ARG A 291 -4.40 26.52 -1.81
N ILE A 292 -4.81 25.25 -1.65
CA ILE A 292 -3.94 24.13 -2.00
C ILE A 292 -3.72 24.09 -3.50
N GLN A 293 -4.80 24.23 -4.29
CA GLN A 293 -4.67 24.24 -5.74
C GLN A 293 -3.73 25.33 -6.21
N ASP A 294 -3.63 26.43 -5.45
CA ASP A 294 -2.76 27.53 -5.83
C ASP A 294 -1.30 27.10 -5.84
N ILE A 295 -0.84 26.46 -4.76
CA ILE A 295 0.57 26.07 -4.68
C ILE A 295 0.82 24.63 -5.11
N HIS A 296 -0.21 23.79 -5.15
CA HIS A 296 -0.03 22.39 -5.56
C HIS A 296 -1.31 21.92 -6.24
N PRO A 297 -1.37 22.00 -7.57
CA PRO A 297 -2.60 21.65 -8.28
C PRO A 297 -2.92 20.16 -8.19
N PHE A 298 -4.20 19.86 -7.94
CA PHE A 298 -4.60 18.46 -7.79
C PHE A 298 -5.99 18.20 -8.35
N ALA A 299 -6.75 19.27 -8.63
CA ALA A 299 -8.15 19.17 -8.99
C ALA A 299 -8.34 18.58 -10.38
N THR A 300 -9.33 17.69 -10.51
CA THR A 300 -9.73 17.17 -11.81
C THR A 300 -10.43 18.28 -12.60
N PRO A 301 -10.57 18.10 -13.92
CA PRO A 301 -11.26 19.15 -14.70
C PRO A 301 -12.66 19.50 -14.20
N LEU A 302 -13.46 18.50 -13.80
CA LEU A 302 -14.79 18.81 -13.28
C LEU A 302 -14.71 19.56 -11.96
N MET A 303 -13.71 19.26 -11.15
CA MET A 303 -13.50 19.99 -9.90
C MET A 303 -13.04 21.41 -10.16
N GLN A 304 -12.18 21.61 -11.18
CA GLN A 304 -11.75 22.95 -11.53
C GLN A 304 -12.94 23.86 -11.86
N GLU A 305 -13.93 23.30 -12.55
CA GLU A 305 -15.15 24.09 -12.86
C GLU A 305 -15.83 24.46 -11.56
N LEU A 306 -15.96 23.50 -10.64
CA LEU A 306 -16.67 23.74 -9.36
C LEU A 306 -15.93 24.76 -8.51
N PHE A 307 -14.62 24.86 -8.67
CA PHE A 307 -13.82 25.76 -7.79
C PHE A 307 -13.70 27.17 -8.39
N GLY A 308 -13.95 27.32 -9.69
CA GLY A 308 -13.80 28.59 -10.36
C GLY A 308 -12.51 28.76 -11.13
N ILE A 309 -11.88 27.67 -11.55
CA ILE A 309 -10.60 27.72 -12.24
C ILE A 309 -10.78 27.79 -13.75
N SER A 323 -19.99 33.77 -19.14
CA SER A 323 -21.24 33.03 -19.02
C SER A 323 -21.07 31.80 -18.14
N LEU A 324 -22.07 31.53 -17.30
CA LEU A 324 -22.02 30.38 -16.41
C LEU A 324 -21.88 29.07 -17.18
N THR A 325 -22.55 28.97 -18.32
CA THR A 325 -22.46 27.74 -19.11
C THR A 325 -21.06 27.55 -19.69
N GLU A 326 -20.42 28.64 -20.11
CA GLU A 326 -19.10 28.55 -20.71
C GLU A 326 -18.01 28.32 -19.67
N ARG A 327 -18.24 28.71 -18.43
CA ARG A 327 -17.32 28.43 -17.35
C ARG A 327 -17.55 27.08 -16.69
N HIS A 328 -18.56 26.32 -17.14
CA HIS A 328 -18.89 25.04 -16.53
C HIS A 328 -19.30 24.04 -17.61
N LYS A 329 -18.45 23.89 -18.64
CA LYS A 329 -18.84 23.11 -19.81
C LYS A 329 -19.03 21.65 -19.47
N ILE A 330 -18.18 21.09 -18.59
CA ILE A 330 -18.30 19.68 -18.23
C ILE A 330 -19.58 19.44 -17.43
N LEU A 331 -19.78 20.22 -16.37
CA LEU A 331 -21.00 20.10 -15.57
C LEU A 331 -22.22 20.36 -16.44
N HIS A 332 -22.11 21.31 -17.39
CA HIS A 332 -23.20 21.56 -18.32
C HIS A 332 -23.50 20.33 -19.17
N ARG A 333 -22.46 19.66 -19.66
CA ARG A 333 -22.66 18.47 -20.49
C ARG A 333 -23.31 17.34 -19.69
N LEU A 334 -22.89 17.15 -18.44
CA LEU A 334 -23.44 16.09 -17.62
C LEU A 334 -24.91 16.34 -17.28
N LEU A 335 -25.30 17.61 -17.16
CA LEU A 335 -26.71 17.93 -16.95
C LEU A 335 -27.53 17.78 -18.22
N GLN A 336 -26.87 17.80 -19.38
CA GLN A 336 -27.59 17.77 -20.65
C GLN A 336 -27.97 16.35 -21.06
N GLU A 337 -27.09 15.39 -20.79
CA GLU A 337 -27.32 14.01 -21.21
C GLU A 337 -28.49 13.38 -20.46
N GLY B 20 48.32 -16.34 15.08
CA GLY B 20 47.54 -15.48 14.20
C GLY B 20 47.34 -16.05 12.81
N LEU B 21 46.62 -15.31 11.97
CA LEU B 21 46.42 -15.73 10.59
C LEU B 21 47.69 -15.53 9.78
N THR B 22 47.89 -16.41 8.80
CA THR B 22 48.99 -16.22 7.86
C THR B 22 48.70 -15.00 6.99
N GLU B 23 49.71 -14.59 6.22
CA GLU B 23 49.52 -13.45 5.33
C GLU B 23 48.51 -13.76 4.25
N GLU B 24 48.63 -14.94 3.62
CA GLU B 24 47.72 -15.32 2.54
C GLU B 24 46.29 -15.46 3.06
N GLN B 25 46.12 -15.93 4.30
CA GLN B 25 44.78 -15.98 4.87
C GLN B 25 44.24 -14.58 5.13
N ARG B 26 45.09 -13.67 5.60
CA ARG B 26 44.69 -12.27 5.73
C ARG B 26 44.24 -11.70 4.40
N MET B 27 45.02 -11.96 3.34
CA MET B 27 44.66 -11.47 2.01
C MET B 27 43.37 -12.13 1.52
N MET B 28 43.20 -13.42 1.81
CA MET B 28 42.01 -14.13 1.34
C MET B 28 40.75 -13.55 1.97
N ILE B 29 40.79 -13.29 3.28
CA ILE B 29 39.65 -12.67 3.94
C ILE B 29 39.43 -11.26 3.42
N ARG B 30 40.51 -10.50 3.22
CA ARG B 30 40.38 -9.13 2.72
C ARG B 30 39.70 -9.10 1.36
N GLU B 31 40.05 -10.03 0.47
CA GLU B 31 39.43 -10.05 -0.86
C GLU B 31 37.94 -10.40 -0.76
N LEU B 32 37.59 -11.38 0.07
CA LEU B 32 36.20 -11.78 0.21
C LEU B 32 35.37 -10.65 0.83
N MET B 33 35.92 -9.95 1.82
CA MET B 33 35.18 -8.87 2.47
C MET B 33 34.99 -7.70 1.49
N ASP B 34 36.03 -7.36 0.74
CA ASP B 34 35.92 -6.33 -0.28
C ASP B 34 34.84 -6.69 -1.30
N ALA B 35 34.81 -7.96 -1.71
CA ALA B 35 33.79 -8.42 -2.64
C ALA B 35 32.39 -8.25 -2.05
N GLN B 36 32.22 -8.63 -0.78
CA GLN B 36 30.91 -8.53 -0.14
C GLN B 36 30.43 -7.08 -0.11
N MET B 37 31.32 -6.15 0.26
CA MET B 37 30.94 -4.74 0.34
C MET B 37 30.56 -4.19 -1.03
N LYS B 38 31.21 -4.65 -2.09
CA LYS B 38 31.00 -4.08 -3.41
C LYS B 38 29.76 -4.64 -4.11
N THR B 39 29.24 -5.80 -3.68
CA THR B 39 28.17 -6.47 -4.39
C THR B 39 26.93 -6.75 -3.53
N PHE B 40 26.90 -6.30 -2.28
CA PHE B 40 25.76 -6.53 -1.40
C PHE B 40 25.22 -5.17 -0.98
N ASP B 41 24.17 -4.72 -1.65
CA ASP B 41 23.50 -3.47 -1.29
C ASP B 41 22.56 -3.78 -0.13
N THR B 42 23.04 -3.55 1.10
CA THR B 42 22.25 -3.87 2.27
C THR B 42 21.06 -2.94 2.45
N THR B 43 21.04 -1.79 1.77
CA THR B 43 19.90 -0.90 1.82
C THR B 43 18.82 -1.26 0.80
N PHE B 44 19.12 -2.18 -0.13
CA PHE B 44 18.18 -2.58 -1.18
C PHE B 44 17.67 -1.39 -1.97
N SER B 45 18.49 -0.34 -2.07
CA SER B 45 18.06 0.89 -2.72
C SER B 45 17.92 0.73 -4.23
N HIS B 46 18.58 -0.25 -4.83
CA HIS B 46 18.48 -0.48 -6.27
C HIS B 46 17.49 -1.58 -6.62
N PHE B 47 16.67 -2.00 -5.67
CA PHE B 47 15.62 -2.99 -5.93
C PHE B 47 14.36 -2.24 -6.33
N LYS B 48 14.07 -2.24 -7.63
CA LYS B 48 12.98 -1.45 -8.20
C LYS B 48 12.18 -2.30 -9.18
N ASN B 49 11.00 -1.79 -9.54
CA ASN B 49 10.16 -2.37 -10.59
C ASN B 49 9.75 -3.80 -10.29
N PHE B 50 9.63 -4.13 -9.01
CA PHE B 50 9.16 -5.44 -8.61
C PHE B 50 7.63 -5.50 -8.65
N ARG B 51 7.11 -6.71 -8.80
CA ARG B 51 5.68 -6.95 -8.75
C ARG B 51 5.18 -6.90 -7.32
N LEU B 52 3.89 -6.63 -7.17
CA LEU B 52 3.20 -6.60 -5.89
C LEU B 52 1.86 -7.31 -6.05
N PRO B 53 1.30 -7.81 -4.96
CA PRO B 53 -0.05 -8.39 -5.04
C PRO B 53 -1.06 -7.35 -5.51
N GLY B 54 -1.96 -7.77 -6.40
CA GLY B 54 -2.95 -6.89 -6.98
C GLY B 54 -3.96 -6.35 -5.98
N TRP B 77 1.90 -31.95 -2.37
CA TRP B 77 1.25 -30.66 -2.54
C TRP B 77 0.80 -30.10 -1.20
N SER B 78 0.28 -30.97 -0.33
CA SER B 78 -0.19 -30.53 0.98
C SER B 78 0.98 -30.11 1.86
N GLN B 79 2.11 -30.82 1.77
CA GLN B 79 3.30 -30.42 2.53
C GLN B 79 3.81 -29.07 2.07
N VAL B 80 3.66 -28.75 0.79
CA VAL B 80 4.01 -27.41 0.31
C VAL B 80 3.08 -26.38 0.92
N ARG B 81 1.78 -26.66 0.92
CA ARG B 81 0.81 -25.72 1.48
C ARG B 81 1.04 -25.51 2.97
N LYS B 82 1.38 -26.57 3.70
CA LYS B 82 1.67 -26.42 5.12
C LYS B 82 2.98 -25.67 5.34
N ASP B 83 3.99 -25.92 4.51
CA ASP B 83 5.25 -25.20 4.63
C ASP B 83 5.08 -23.74 4.25
N LEU B 84 4.31 -23.47 3.18
CA LEU B 84 4.04 -22.09 2.79
C LEU B 84 3.26 -21.33 3.87
N CYS B 85 2.54 -22.04 4.74
CA CYS B 85 1.82 -21.37 5.83
C CYS B 85 2.78 -20.91 6.91
N SER B 86 3.83 -21.69 7.19
CA SER B 86 4.80 -21.31 8.21
C SER B 86 5.56 -20.05 7.80
N LEU B 87 5.91 -19.94 6.52
CA LEU B 87 6.66 -18.82 5.99
C LEU B 87 5.77 -17.65 5.58
N LYS B 88 4.52 -17.62 6.03
CA LYS B 88 3.64 -16.52 5.67
C LYS B 88 4.16 -15.23 6.26
N VAL B 89 4.30 -14.21 5.42
CA VAL B 89 4.84 -12.92 5.82
C VAL B 89 3.90 -11.81 5.40
N SER B 90 3.94 -10.70 6.13
CA SER B 90 3.33 -9.45 5.72
C SER B 90 4.41 -8.52 5.19
N LEU B 91 4.05 -7.72 4.19
CA LEU B 91 5.01 -6.86 3.49
C LEU B 91 4.77 -5.41 3.88
N GLN B 92 5.85 -4.75 4.32
CA GLN B 92 5.82 -3.34 4.65
C GLN B 92 6.80 -2.60 3.76
N LEU B 93 6.35 -1.49 3.17
CA LEU B 93 7.19 -0.65 2.33
C LEU B 93 7.16 0.76 2.89
N ARG B 94 8.31 1.25 3.34
CA ARG B 94 8.44 2.58 3.94
C ARG B 94 8.98 3.53 2.88
N GLY B 95 8.19 4.54 2.51
CA GLY B 95 8.64 5.54 1.59
C GLY B 95 9.56 6.56 2.24
N GLU B 96 10.34 7.25 1.39
CA GLU B 96 11.29 8.24 1.88
C GLU B 96 10.58 9.42 2.54
N ASP B 97 9.35 9.73 2.10
CA ASP B 97 8.60 10.82 2.68
C ASP B 97 8.11 10.52 4.09
N GLY B 98 8.15 9.26 4.51
CA GLY B 98 7.65 8.84 5.81
C GLY B 98 6.42 7.96 5.75
N SER B 99 5.78 7.85 4.59
CA SER B 99 4.60 7.01 4.47
C SER B 99 4.97 5.53 4.53
N VAL B 100 3.98 4.70 4.79
CA VAL B 100 4.18 3.25 4.90
C VAL B 100 3.00 2.54 4.24
N TRP B 101 3.27 1.77 3.19
CA TRP B 101 2.31 0.81 2.67
C TRP B 101 2.52 -0.51 3.38
N ASN B 102 1.42 -1.15 3.80
CA ASN B 102 1.49 -2.42 4.51
C ASN B 102 0.55 -3.41 3.85
N TYR B 103 1.08 -4.59 3.51
CA TYR B 103 0.30 -5.66 2.90
C TYR B 103 0.15 -6.80 3.90
N LYS B 104 -1.09 -7.14 4.21
CA LYS B 104 -1.37 -8.35 4.99
C LYS B 104 -1.90 -9.42 4.06
N PRO B 105 -1.32 -10.62 4.05
CA PRO B 105 -1.74 -11.64 3.10
C PRO B 105 -3.10 -12.19 3.45
N PRO B 106 -3.83 -12.73 2.49
CA PRO B 106 -5.11 -13.38 2.82
C PRO B 106 -4.90 -14.64 3.64
N ALA B 107 -6.00 -15.19 4.10
CA ALA B 107 -5.99 -16.47 4.81
C ALA B 107 -6.06 -17.62 3.81
N ASP B 108 -5.60 -18.78 4.25
CA ASP B 108 -5.63 -19.98 3.41
C ASP B 108 -7.08 -20.40 3.20
N SER B 109 -7.61 -20.12 2.02
CA SER B 109 -8.96 -20.55 1.66
C SER B 109 -8.97 -21.72 0.69
N GLY B 110 -7.80 -22.23 0.31
CA GLY B 110 -7.71 -23.35 -0.60
C GLY B 110 -7.49 -22.98 -2.06
N GLY B 111 -7.65 -21.72 -2.43
CA GLY B 111 -7.47 -21.28 -3.79
C GLY B 111 -6.06 -20.79 -4.06
N LYS B 112 -5.92 -20.04 -5.15
CA LYS B 112 -4.63 -19.49 -5.54
C LYS B 112 -4.14 -18.37 -4.63
N GLU B 113 -4.87 -18.09 -3.53
CA GLU B 113 -4.48 -17.02 -2.63
C GLU B 113 -3.15 -17.28 -1.93
N ILE B 114 -2.70 -18.54 -1.89
CA ILE B 114 -1.47 -18.87 -1.18
C ILE B 114 -0.22 -18.41 -1.93
N PHE B 115 -0.37 -17.91 -3.16
CA PHE B 115 0.75 -17.51 -3.99
C PHE B 115 0.75 -16.01 -4.31
N SER B 116 0.09 -15.19 -3.48
CA SER B 116 -0.04 -13.79 -3.81
C SER B 116 1.30 -13.06 -3.75
N LEU B 117 2.25 -13.58 -2.97
CA LEU B 117 3.55 -12.93 -2.80
C LEU B 117 4.67 -13.60 -3.60
N LEU B 118 4.42 -14.75 -4.22
CA LEU B 118 5.47 -15.42 -4.97
C LEU B 118 6.03 -14.62 -6.14
N PRO B 119 5.23 -13.91 -6.95
CA PRO B 119 5.84 -13.06 -7.98
C PRO B 119 6.78 -12.02 -7.40
N HIS B 120 6.40 -11.39 -6.29
CA HIS B 120 7.27 -10.40 -5.67
C HIS B 120 8.56 -11.04 -5.18
N MET B 121 8.46 -12.20 -4.53
CA MET B 121 9.65 -12.87 -4.01
C MET B 121 10.55 -13.36 -5.14
N ALA B 122 9.98 -13.67 -6.31
CA ALA B 122 10.79 -14.00 -7.46
C ALA B 122 11.62 -12.80 -7.91
N ASP B 123 11.01 -11.61 -7.91
CA ASP B 123 11.75 -10.40 -8.24
C ASP B 123 12.82 -10.10 -7.20
N MET B 124 12.51 -10.32 -5.91
CA MET B 124 13.52 -10.13 -4.88
C MET B 124 14.63 -11.16 -5.00
N SER B 125 14.27 -12.44 -5.23
CA SER B 125 15.29 -13.47 -5.39
C SER B 125 16.20 -13.18 -6.58
N THR B 126 15.61 -12.72 -7.68
CA THR B 126 16.40 -12.39 -8.86
C THR B 126 17.36 -11.25 -8.57
N TYR B 127 16.88 -10.18 -7.93
CA TYR B 127 17.77 -9.10 -7.52
C TYR B 127 18.88 -9.61 -6.61
N MET B 128 18.53 -10.45 -5.63
CA MET B 128 19.54 -10.98 -4.72
C MET B 128 20.57 -11.83 -5.46
N PHE B 129 20.10 -12.69 -6.36
CA PHE B 129 21.03 -13.54 -7.10
C PHE B 129 21.99 -12.73 -7.95
N LYS B 130 21.52 -11.62 -8.53
CA LYS B 130 22.39 -10.79 -9.35
C LYS B 130 23.56 -10.25 -8.53
N GLY B 131 23.31 -9.89 -7.28
CA GLY B 131 24.41 -9.53 -6.40
C GLY B 131 25.33 -10.69 -6.11
N ILE B 132 24.78 -11.90 -6.04
CA ILE B 132 25.59 -13.10 -5.84
C ILE B 132 26.51 -13.32 -7.04
N ILE B 133 25.99 -13.15 -8.25
CA ILE B 133 26.80 -13.29 -9.45
C ILE B 133 27.96 -12.30 -9.43
N SER B 134 27.66 -11.03 -9.11
CA SER B 134 28.70 -10.03 -9.03
C SER B 134 29.70 -10.35 -7.94
N PHE B 135 29.21 -10.85 -6.80
CA PHE B 135 30.12 -11.28 -5.72
C PHE B 135 31.11 -12.31 -6.22
N ALA B 136 30.62 -13.31 -6.97
CA ALA B 136 31.52 -14.35 -7.49
C ALA B 136 32.45 -13.79 -8.56
N LYS B 137 31.97 -12.84 -9.36
CA LYS B 137 32.76 -12.36 -10.50
C LYS B 137 34.03 -11.65 -10.05
N VAL B 138 33.97 -10.90 -8.94
CA VAL B 138 35.13 -10.13 -8.51
C VAL B 138 36.08 -10.94 -7.64
N ILE B 139 35.78 -12.21 -7.39
CA ILE B 139 36.70 -13.10 -6.66
C ILE B 139 37.70 -13.66 -7.66
N SER B 140 38.99 -13.57 -7.30
CA SER B 140 40.05 -14.00 -8.22
C SER B 140 39.99 -15.50 -8.49
N TYR B 141 39.71 -16.30 -7.45
CA TYR B 141 39.67 -17.75 -7.64
C TYR B 141 38.52 -18.16 -8.55
N PHE B 142 37.37 -17.48 -8.43
CA PHE B 142 36.21 -17.82 -9.24
C PHE B 142 36.34 -17.32 -10.67
N ARG B 143 36.94 -16.14 -10.85
CA ARG B 143 37.00 -15.52 -12.17
C ARG B 143 37.88 -16.31 -13.14
N ASP B 144 38.78 -17.14 -12.64
CA ASP B 144 39.70 -17.90 -13.49
C ASP B 144 39.15 -19.26 -13.90
N LEU B 145 38.09 -19.74 -13.25
CA LEU B 145 37.50 -21.02 -13.62
C LEU B 145 36.90 -20.95 -15.02
N PRO B 146 36.78 -22.09 -15.70
CA PRO B 146 36.07 -22.09 -16.98
C PRO B 146 34.65 -21.58 -16.83
N ILE B 147 34.15 -20.95 -17.91
CA ILE B 147 32.85 -20.27 -17.85
C ILE B 147 31.73 -21.24 -17.48
N GLU B 148 31.83 -22.50 -17.91
CA GLU B 148 30.77 -23.46 -17.62
C GLU B 148 30.79 -23.90 -16.17
N ASP B 149 31.99 -24.05 -15.59
CA ASP B 149 32.09 -24.30 -14.16
C ASP B 149 31.61 -23.09 -13.35
N GLN B 150 31.87 -21.88 -13.85
CA GLN B 150 31.32 -20.69 -13.21
C GLN B 150 29.79 -20.72 -13.24
N ILE B 151 29.23 -21.17 -14.36
CA ILE B 151 27.78 -21.32 -14.45
C ILE B 151 27.30 -22.41 -13.49
N SER B 152 28.03 -23.52 -13.41
CA SER B 152 27.57 -24.64 -12.61
C SER B 152 27.67 -24.34 -11.13
N LEU B 153 28.74 -23.66 -10.70
CA LEU B 153 28.88 -23.33 -9.28
C LEU B 153 27.79 -22.35 -8.83
N LEU B 154 27.60 -21.27 -9.59
CA LEU B 154 26.56 -20.31 -9.25
C LEU B 154 25.18 -20.95 -9.29
N LYS B 155 24.96 -21.88 -10.23
CA LYS B 155 23.67 -22.56 -10.31
C LYS B 155 23.41 -23.41 -9.09
N GLY B 156 24.43 -24.10 -8.58
CA GLY B 156 24.25 -24.97 -7.42
C GLY B 156 24.19 -24.24 -6.10
N ALA B 157 24.75 -23.04 -6.02
CA ALA B 157 24.86 -22.32 -4.76
C ALA B 157 24.00 -21.06 -4.70
N ALA B 158 23.21 -20.78 -5.74
CA ALA B 158 22.43 -19.53 -5.79
C ALA B 158 21.51 -19.40 -4.58
N PHE B 159 20.70 -20.42 -4.30
CA PHE B 159 19.78 -20.37 -3.18
C PHE B 159 20.52 -20.27 -1.85
N GLU B 160 21.67 -20.96 -1.75
CA GLU B 160 22.40 -21.01 -0.49
C GLU B 160 23.04 -19.67 -0.15
N LEU B 161 23.68 -19.03 -1.12
CA LEU B 161 24.26 -17.71 -0.85
C LEU B 161 23.17 -16.66 -0.67
N CYS B 162 22.00 -16.87 -1.27
N CYS B 162 22.01 -16.87 -1.27
CA CYS B 162 20.90 -15.92 -1.07
CA CYS B 162 20.89 -15.94 -1.08
C CYS B 162 20.37 -16.01 0.36
C CYS B 162 20.38 -16.01 0.36
N GLN B 163 20.21 -17.22 0.88
CA GLN B 163 19.74 -17.38 2.26
C GLN B 163 20.78 -16.86 3.26
N LEU B 164 22.06 -17.02 2.94
CA LEU B 164 23.12 -16.53 3.82
C LEU B 164 23.09 -15.01 3.93
N ARG B 165 22.91 -14.31 2.80
CA ARG B 165 22.79 -12.86 2.85
C ARG B 165 21.49 -12.43 3.53
N PHE B 166 20.40 -13.17 3.30
CA PHE B 166 19.15 -12.86 3.98
C PHE B 166 19.30 -12.97 5.49
N ASN B 167 20.12 -13.91 5.98
CA ASN B 167 20.23 -14.08 7.42
C ASN B 167 20.87 -12.87 8.08
N THR B 168 21.72 -12.12 7.37
CA THR B 168 22.37 -10.97 7.99
C THR B 168 21.41 -9.80 8.18
N VAL B 169 20.25 -9.83 7.53
CA VAL B 169 19.22 -8.81 7.71
C VAL B 169 18.01 -9.37 8.44
N PHE B 170 18.11 -10.59 8.94
CA PHE B 170 17.01 -11.20 9.68
C PHE B 170 17.03 -10.74 11.14
N ASN B 171 15.89 -10.28 11.62
CA ASN B 171 15.70 -9.91 13.02
C ASN B 171 15.01 -11.09 13.71
N ALA B 172 15.76 -11.80 14.56
CA ALA B 172 15.21 -12.99 15.20
C ALA B 172 14.20 -12.64 16.29
N GLU B 173 14.25 -11.43 16.84
CA GLU B 173 13.28 -11.05 17.86
C GLU B 173 11.92 -10.79 17.24
N THR B 174 11.87 -9.98 16.18
CA THR B 174 10.62 -9.63 15.52
C THR B 174 10.22 -10.61 14.42
N GLY B 175 11.09 -11.56 14.07
CA GLY B 175 10.81 -12.44 12.97
C GLY B 175 10.66 -11.70 11.65
N THR B 176 11.58 -10.78 11.37
CA THR B 176 11.46 -9.91 10.22
C THR B 176 12.79 -9.84 9.48
N TRP B 177 12.73 -9.98 8.15
CA TRP B 177 13.86 -9.66 7.29
C TRP B 177 13.77 -8.19 6.90
N GLU B 178 14.75 -7.40 7.33
CA GLU B 178 14.72 -5.95 7.16
C GLU B 178 15.55 -5.61 5.92
N CYS B 179 14.87 -5.44 4.79
CA CYS B 179 15.53 -5.20 3.51
C CYS B 179 15.39 -3.73 3.12
N GLY B 180 16.03 -2.89 3.91
CA GLY B 180 16.00 -1.45 3.65
C GLY B 180 14.60 -0.90 3.82
N ARG B 181 14.08 -0.29 2.76
CA ARG B 181 12.72 0.24 2.78
C ARG B 181 11.66 -0.85 2.82
N LEU B 182 12.03 -2.10 2.59
CA LEU B 182 11.10 -3.22 2.56
C LEU B 182 11.31 -4.11 3.78
N SER B 183 10.21 -4.57 4.37
CA SER B 183 10.25 -5.47 5.52
C SER B 183 9.30 -6.63 5.27
N TYR B 184 9.73 -7.82 5.68
CA TYR B 184 8.96 -9.05 5.54
C TYR B 184 8.83 -9.67 6.92
N CYS B 185 7.62 -9.64 7.48
CA CYS B 185 7.39 -10.02 8.86
C CYS B 185 6.55 -11.28 8.91
N LEU B 186 7.11 -12.34 9.52
CA LEU B 186 6.40 -13.60 9.66
C LEU B 186 5.13 -13.41 10.50
N GLU B 187 4.11 -14.20 10.17
CA GLU B 187 2.84 -14.15 10.89
C GLU B 187 2.85 -15.08 12.09
N GLN B 195 6.11 -23.67 17.37
CA GLN B 195 5.96 -24.85 16.53
C GLN B 195 6.30 -24.55 15.07
N LEU B 196 6.23 -23.27 14.71
CA LEU B 196 6.56 -22.85 13.35
C LEU B 196 8.03 -23.08 13.02
N LEU B 197 8.86 -23.32 14.03
CA LEU B 197 10.29 -23.57 13.81
C LEU B 197 10.50 -24.93 13.15
N LEU B 198 9.42 -25.69 12.94
CA LEU B 198 9.52 -26.98 12.28
C LEU B 198 9.97 -26.85 10.83
N GLU B 199 9.62 -25.75 10.18
CA GLU B 199 10.01 -25.57 8.78
C GLU B 199 11.53 -25.42 8.67
N PRO B 200 12.20 -26.21 7.82
CA PRO B 200 13.67 -26.22 7.85
C PRO B 200 14.31 -24.89 7.54
N MET B 201 13.84 -24.17 6.53
CA MET B 201 14.46 -22.89 6.18
C MET B 201 14.26 -21.86 7.29
N LEU B 202 13.10 -21.89 7.94
CA LEU B 202 12.85 -21.02 9.09
C LEU B 202 13.75 -21.39 10.25
N LYS B 203 13.82 -22.69 10.58
CA LYS B 203 14.71 -23.15 11.65
C LYS B 203 16.15 -22.76 11.36
N PHE B 204 16.57 -22.85 10.08
CA PHE B 204 17.92 -22.48 9.71
C PHE B 204 18.22 -21.03 10.06
N HIS B 205 17.29 -20.12 9.74
CA HIS B 205 17.55 -18.70 9.97
C HIS B 205 17.67 -18.39 11.45
N TYR B 206 16.84 -19.03 12.28
CA TYR B 206 16.96 -18.82 13.72
C TYR B 206 18.24 -19.44 14.27
N MET B 207 18.58 -20.66 13.83
CA MET B 207 19.79 -21.29 14.34
C MET B 207 21.05 -20.52 13.93
N LEU B 208 21.11 -20.06 12.68
CA LEU B 208 22.31 -19.35 12.23
C LEU B 208 22.42 -17.99 12.90
N LYS B 209 21.31 -17.28 13.03
CA LYS B 209 21.34 -15.99 13.72
C LYS B 209 21.81 -16.15 15.16
N LYS B 210 21.51 -17.30 15.79
CA LYS B 210 21.86 -17.51 17.19
C LYS B 210 23.37 -17.60 17.39
N LEU B 211 24.11 -17.99 16.35
CA LEU B 211 25.56 -18.09 16.45
C LEU B 211 26.25 -16.74 16.48
N GLN B 212 25.54 -15.67 16.09
CA GLN B 212 26.06 -14.30 16.14
C GLN B 212 27.37 -14.18 15.37
N LEU B 213 27.35 -14.63 14.12
CA LEU B 213 28.56 -14.65 13.31
C LEU B 213 29.00 -13.23 12.95
N HIS B 214 30.31 -13.08 12.73
CA HIS B 214 30.87 -11.86 12.18
C HIS B 214 30.69 -11.83 10.67
N GLU B 215 30.90 -10.65 10.09
CA GLU B 215 30.87 -10.51 8.64
C GLU B 215 31.85 -11.45 7.97
N GLU B 216 33.06 -11.58 8.54
CA GLU B 216 34.06 -12.45 7.95
C GLU B 216 33.59 -13.90 7.90
N GLU B 217 32.85 -14.33 8.92
CA GLU B 217 32.40 -15.72 8.95
C GLU B 217 31.28 -15.96 7.96
N TYR B 218 30.37 -14.99 7.81
CA TYR B 218 29.35 -15.08 6.77
C TYR B 218 29.98 -15.19 5.37
N VAL B 219 30.95 -14.31 5.07
CA VAL B 219 31.48 -14.29 3.72
C VAL B 219 32.32 -15.54 3.44
N LEU B 220 32.94 -16.11 4.47
CA LEU B 220 33.64 -17.37 4.30
C LEU B 220 32.67 -18.53 4.11
N MET B 221 31.50 -18.49 4.76
CA MET B 221 30.47 -19.48 4.47
C MET B 221 30.02 -19.38 3.02
N GLN B 222 29.91 -18.16 2.50
CA GLN B 222 29.53 -17.96 1.10
C GLN B 222 30.56 -18.59 0.17
N ALA B 223 31.85 -18.39 0.46
CA ALA B 223 32.88 -18.97 -0.40
C ALA B 223 32.88 -20.49 -0.33
N ILE B 224 32.71 -21.04 0.88
CA ILE B 224 32.67 -22.49 1.01
C ILE B 224 31.47 -23.05 0.24
N SER B 225 30.31 -22.40 0.35
CA SER B 225 29.14 -22.86 -0.40
C SER B 225 29.36 -22.68 -1.90
N LEU B 226 29.92 -21.54 -2.32
CA LEU B 226 30.12 -21.27 -3.74
C LEU B 226 31.04 -22.29 -4.39
N PHE B 227 32.19 -22.55 -3.77
CA PHE B 227 33.19 -23.45 -4.35
C PHE B 227 32.93 -24.89 -3.90
N SER B 228 31.72 -25.37 -4.19
CA SER B 228 31.37 -26.76 -3.93
C SER B 228 31.75 -27.60 -5.14
N PRO B 229 32.73 -28.50 -5.03
CA PRO B 229 33.16 -29.27 -6.20
C PRO B 229 32.17 -30.34 -6.63
N ASP B 230 31.14 -30.63 -5.84
CA ASP B 230 30.18 -31.69 -6.14
C ASP B 230 28.87 -31.14 -6.68
N ARG B 231 28.87 -29.91 -7.22
CA ARG B 231 27.68 -29.42 -7.91
C ARG B 231 27.55 -30.10 -9.27
N PRO B 232 26.32 -30.31 -9.74
CA PRO B 232 26.14 -30.88 -11.09
C PRO B 232 26.79 -30.01 -12.15
N GLY B 233 27.49 -30.65 -13.08
CA GLY B 233 28.11 -29.97 -14.20
C GLY B 233 29.50 -29.44 -13.96
N VAL B 234 30.02 -29.53 -12.74
CA VAL B 234 31.36 -29.02 -12.45
C VAL B 234 32.39 -29.94 -13.07
N LEU B 235 33.37 -29.34 -13.76
CA LEU B 235 34.46 -30.08 -14.40
C LEU B 235 35.76 -30.02 -13.62
N GLN B 236 36.14 -28.84 -13.13
CA GLN B 236 37.39 -28.68 -12.39
C GLN B 236 37.16 -29.02 -10.92
N HIS B 237 36.86 -30.30 -10.69
CA HIS B 237 36.54 -30.77 -9.34
C HIS B 237 37.71 -30.56 -8.38
N ARG B 238 38.87 -31.12 -8.71
CA ARG B 238 40.03 -31.02 -7.84
C ARG B 238 40.45 -29.56 -7.63
N VAL B 239 40.33 -28.75 -8.68
CA VAL B 239 40.65 -27.33 -8.54
C VAL B 239 39.66 -26.66 -7.59
N VAL B 240 38.37 -26.88 -7.80
CA VAL B 240 37.36 -26.29 -6.92
C VAL B 240 37.45 -26.87 -5.52
N ASP B 241 37.74 -28.18 -5.43
CA ASP B 241 37.85 -28.82 -4.11
C ASP B 241 39.04 -28.28 -3.34
N GLN B 242 40.16 -28.03 -4.03
CA GLN B 242 41.31 -27.43 -3.36
C GLN B 242 41.01 -26.01 -2.90
N LEU B 243 40.25 -25.26 -3.70
CA LEU B 243 39.85 -23.91 -3.30
C LEU B 243 38.95 -23.95 -2.07
N GLN B 244 37.98 -24.86 -2.03
CA GLN B 244 37.06 -24.93 -0.90
C GLN B 244 37.81 -25.26 0.39
N GLU B 245 38.78 -26.16 0.32
CA GLU B 245 39.50 -26.56 1.53
C GLU B 245 40.27 -25.40 2.13
N GLN B 246 40.81 -24.51 1.29
CA GLN B 246 41.53 -23.36 1.81
C GLN B 246 40.59 -22.34 2.44
N PHE B 247 39.39 -22.17 1.89
CA PHE B 247 38.41 -21.31 2.56
C PHE B 247 38.01 -21.89 3.91
N ALA B 248 37.84 -23.21 3.99
CA ALA B 248 37.46 -23.82 5.26
C ALA B 248 38.58 -23.72 6.28
N ILE B 249 39.83 -23.94 5.86
CA ILE B 249 40.96 -23.77 6.76
C ILE B 249 41.08 -22.31 7.20
N THR B 250 40.82 -21.38 6.29
CA THR B 250 40.85 -19.96 6.64
C THR B 250 39.79 -19.64 7.69
N LEU B 251 38.59 -20.22 7.54
CA LEU B 251 37.54 -19.98 8.53
C LEU B 251 37.93 -20.54 9.90
N LYS B 252 38.51 -21.74 9.93
CA LYS B 252 38.94 -22.33 11.18
C LYS B 252 40.01 -21.49 11.86
N SER B 253 40.97 -20.98 11.09
CA SER B 253 42.01 -20.13 11.66
C SER B 253 41.43 -18.82 12.19
N TYR B 254 40.47 -18.24 11.45
CA TYR B 254 39.86 -16.99 11.90
C TYR B 254 39.15 -17.16 13.23
N ILE B 255 38.43 -18.27 13.40
CA ILE B 255 37.65 -18.47 14.61
C ILE B 255 38.56 -18.65 15.82
N GLU B 256 39.67 -19.39 15.65
CA GLU B 256 40.58 -19.61 16.77
C GLU B 256 41.34 -18.36 17.15
N CYS B 257 41.52 -17.43 16.22
CA CYS B 257 42.27 -16.20 16.50
C CYS B 257 41.40 -15.07 17.02
N ASN B 258 40.08 -15.25 17.08
CA ASN B 258 39.20 -14.14 17.44
C ASN B 258 38.02 -14.50 18.34
N ARG B 259 37.75 -15.77 18.62
CA ARG B 259 36.56 -16.16 19.40
C ARG B 259 36.97 -17.09 20.54
N PRO B 260 37.59 -16.53 21.60
CA PRO B 260 38.04 -17.39 22.71
C PRO B 260 36.94 -17.78 23.69
N GLN B 261 35.78 -17.12 23.65
CA GLN B 261 34.75 -17.33 24.66
C GLN B 261 34.19 -18.75 24.59
N PRO B 262 33.80 -19.32 25.73
CA PRO B 262 33.24 -20.69 25.71
C PRO B 262 31.92 -20.79 24.97
N ALA B 263 31.22 -19.66 24.75
CA ALA B 263 30.01 -19.70 23.94
C ALA B 263 30.29 -20.06 22.49
N HIS B 264 31.54 -19.90 22.04
CA HIS B 264 31.91 -20.18 20.67
C HIS B 264 32.71 -21.47 20.53
N ARG B 265 32.67 -22.34 21.54
CA ARG B 265 33.30 -23.64 21.41
C ARG B 265 32.64 -24.44 20.29
N PHE B 266 33.46 -25.11 19.50
CA PHE B 266 33.03 -25.93 18.37
C PHE B 266 32.28 -25.12 17.31
N LEU B 267 32.50 -23.80 17.27
CA LEU B 267 31.77 -22.94 16.34
C LEU B 267 32.08 -23.30 14.89
N PHE B 268 33.34 -23.65 14.60
CA PHE B 268 33.70 -24.00 13.23
C PHE B 268 32.92 -25.22 12.75
N LEU B 269 32.92 -26.29 13.56
CA LEU B 269 32.18 -27.49 13.19
C LEU B 269 30.68 -27.25 13.17
N LYS B 270 30.18 -26.33 14.00
CA LYS B 270 28.78 -25.95 13.90
C LYS B 270 28.49 -25.28 12.57
N ILE B 271 29.38 -24.37 12.12
CA ILE B 271 29.17 -23.68 10.86
C ILE B 271 29.20 -24.66 9.69
N MET B 272 30.16 -25.58 9.70
CA MET B 272 30.25 -26.56 8.63
C MET B 272 29.02 -27.47 8.62
N ALA B 273 28.48 -27.78 9.81
CA ALA B 273 27.25 -28.55 9.88
C ALA B 273 26.07 -27.75 9.34
N MET B 274 26.05 -26.44 9.60
CA MET B 274 24.99 -25.58 9.06
C MET B 274 25.07 -25.49 7.55
N LEU B 275 26.28 -25.49 7.00
CA LEU B 275 26.44 -25.43 5.55
C LEU B 275 25.94 -26.71 4.89
N THR B 276 26.24 -27.87 5.49
CA THR B 276 25.69 -29.12 4.98
C THR B 276 24.18 -29.15 5.08
N GLU B 277 23.63 -28.63 6.18
CA GLU B 277 22.18 -28.54 6.30
C GLU B 277 21.58 -27.60 5.26
N LEU B 278 22.26 -26.48 4.97
CA LEU B 278 21.73 -25.53 4.00
C LEU B 278 21.68 -26.15 2.60
N ARG B 279 22.68 -26.96 2.27
CA ARG B 279 22.68 -27.66 0.98
C ARG B 279 21.48 -28.60 0.88
N SER B 280 21.09 -29.23 2.00
CA SER B 280 19.90 -30.07 2.00
C SER B 280 18.65 -29.23 1.78
N ILE B 281 18.54 -28.10 2.48
CA ILE B 281 17.40 -27.20 2.31
C ILE B 281 17.33 -26.69 0.88
N ASN B 282 18.49 -26.49 0.24
CA ASN B 282 18.52 -26.09 -1.17
C ASN B 282 17.79 -27.11 -2.04
N ALA B 283 18.08 -28.39 -1.84
CA ALA B 283 17.47 -29.43 -2.68
C ALA B 283 15.97 -29.49 -2.47
N GLN B 284 15.51 -29.42 -1.21
CA GLN B 284 14.08 -29.47 -0.93
C GLN B 284 13.35 -28.31 -1.60
N HIS B 285 13.83 -27.09 -1.37
CA HIS B 285 13.08 -25.92 -1.82
C HIS B 285 13.22 -25.67 -3.32
N THR B 286 14.33 -26.05 -3.93
CA THR B 286 14.42 -26.01 -5.38
C THR B 286 13.41 -26.97 -6.00
N GLN B 287 13.35 -28.20 -5.47
CA GLN B 287 12.35 -29.15 -5.95
C GLN B 287 10.93 -28.65 -5.70
N ARG B 288 10.71 -28.04 -4.53
CA ARG B 288 9.42 -27.46 -4.23
C ARG B 288 9.07 -26.31 -5.18
N LEU B 289 10.09 -25.55 -5.60
CA LEU B 289 9.82 -24.42 -6.49
C LEU B 289 9.39 -24.91 -7.87
N LEU B 290 9.94 -26.04 -8.33
CA LEU B 290 9.56 -26.57 -9.63
C LEU B 290 8.10 -26.99 -9.66
N ARG B 291 7.62 -27.62 -8.59
CA ARG B 291 6.22 -28.02 -8.54
C ARG B 291 5.30 -26.81 -8.61
N ILE B 292 5.65 -25.74 -7.88
CA ILE B 292 4.82 -24.56 -7.87
C ILE B 292 4.85 -23.85 -9.21
N GLN B 293 6.04 -23.70 -9.78
CA GLN B 293 6.17 -23.11 -11.12
C GLN B 293 5.38 -23.89 -12.15
N ASP B 294 5.30 -25.22 -11.99
CA ASP B 294 4.48 -26.03 -12.88
C ASP B 294 3.01 -25.66 -12.74
N ILE B 295 2.55 -25.49 -11.51
CA ILE B 295 1.14 -25.22 -11.26
C ILE B 295 0.80 -23.76 -11.53
N HIS B 296 1.57 -22.84 -10.94
CA HIS B 296 1.32 -21.41 -11.07
C HIS B 296 2.64 -20.73 -11.44
N PRO B 297 2.80 -20.30 -12.69
CA PRO B 297 4.09 -19.71 -13.11
C PRO B 297 4.41 -18.38 -12.43
N PHE B 298 5.61 -18.29 -11.86
CA PHE B 298 6.01 -17.11 -11.11
C PHE B 298 7.48 -16.76 -11.31
N ALA B 299 8.27 -17.69 -11.80
CA ALA B 299 9.71 -17.50 -11.88
C ALA B 299 10.07 -16.50 -12.97
N THR B 300 11.06 -15.65 -12.67
CA THR B 300 11.61 -14.75 -13.67
C THR B 300 12.45 -15.54 -14.67
N PRO B 301 12.74 -14.96 -15.84
CA PRO B 301 13.56 -15.69 -16.82
C PRO B 301 14.89 -16.18 -16.24
N LEU B 302 15.54 -15.38 -15.40
CA LEU B 302 16.80 -15.82 -14.80
C LEU B 302 16.60 -16.99 -13.86
N MET B 303 15.46 -17.04 -13.15
CA MET B 303 15.19 -18.15 -12.24
C MET B 303 14.90 -19.44 -13.00
N GLN B 304 14.18 -19.34 -14.11
CA GLN B 304 13.92 -20.53 -14.93
C GLN B 304 15.23 -21.18 -15.37
N GLU B 305 16.23 -20.37 -15.69
CA GLU B 305 17.55 -20.90 -16.04
C GLU B 305 18.13 -21.74 -14.91
N LEU B 306 17.99 -21.27 -13.66
CA LEU B 306 18.51 -22.03 -12.53
C LEU B 306 17.78 -23.35 -12.37
N PHE B 307 16.50 -23.40 -12.73
CA PHE B 307 15.64 -24.54 -12.45
C PHE B 307 15.71 -25.62 -13.52
N GLY B 308 16.41 -25.38 -14.62
CA GLY B 308 16.46 -26.33 -15.71
C GLY B 308 17.24 -27.58 -15.32
N ILE B 309 16.58 -28.74 -15.37
CA ILE B 309 17.23 -30.00 -15.02
C ILE B 309 17.82 -30.66 -16.26
N SER B 323 23.45 -27.21 -24.62
CA SER B 323 24.68 -27.18 -23.83
C SER B 323 24.56 -26.19 -22.67
N LEU B 324 25.63 -26.11 -21.87
CA LEU B 324 25.57 -25.36 -20.62
C LEU B 324 25.38 -23.87 -20.86
N THR B 325 26.25 -23.26 -21.69
CA THR B 325 26.10 -21.84 -21.96
C THR B 325 24.81 -21.54 -22.70
N GLU B 326 24.28 -22.51 -23.46
CA GLU B 326 23.05 -22.30 -24.20
C GLU B 326 21.84 -22.27 -23.26
N ARG B 327 21.78 -23.22 -22.32
CA ARG B 327 20.67 -23.29 -21.37
C ARG B 327 20.70 -22.18 -20.33
N HIS B 328 21.72 -21.32 -20.32
CA HIS B 328 21.85 -20.28 -19.31
C HIS B 328 22.35 -18.99 -19.96
N LYS B 329 21.59 -18.50 -20.95
CA LYS B 329 22.04 -17.35 -21.74
C LYS B 329 22.15 -16.09 -20.88
N ILE B 330 21.23 -15.90 -19.94
CA ILE B 330 21.25 -14.69 -19.12
C ILE B 330 22.42 -14.73 -18.14
N LEU B 331 22.56 -15.84 -17.40
CA LEU B 331 23.70 -15.99 -16.50
C LEU B 331 25.02 -15.90 -17.25
N HIS B 332 25.07 -16.45 -18.46
CA HIS B 332 26.28 -16.37 -19.28
C HIS B 332 26.63 -14.92 -19.59
N ARG B 333 25.62 -14.12 -19.98
CA ARG B 333 25.88 -12.72 -20.30
C ARG B 333 26.34 -11.94 -19.08
N LEU B 334 25.71 -12.19 -17.92
CA LEU B 334 26.11 -11.48 -16.71
C LEU B 334 27.54 -11.83 -16.31
N LEU B 335 27.97 -13.07 -16.53
CA LEU B 335 29.35 -13.43 -16.23
C LEU B 335 30.33 -12.73 -17.15
N GLN B 336 29.91 -12.35 -18.35
CA GLN B 336 30.82 -11.66 -19.26
C GLN B 336 30.82 -10.15 -19.03
N GLU B 337 29.69 -9.58 -18.63
CA GLU B 337 29.63 -8.16 -18.29
C GLU B 337 30.54 -7.85 -17.10
N GLY B 338 31.02 -6.60 -17.07
CA GLY B 338 31.83 -6.13 -15.96
C GLY B 338 31.01 -5.79 -14.73
N SER B 339 31.44 -4.76 -13.99
CA SER B 339 30.71 -4.33 -12.80
C SER B 339 30.45 -2.82 -12.84
#